data_4RFX
#
_entry.id   4RFX
#
_cell.length_a   155.320
_cell.length_b   155.320
_cell.length_c   129.260
_cell.angle_alpha   90.00
_cell.angle_beta   90.00
_cell.angle_gamma   90.00
#
_symmetry.space_group_name_H-M   'P 41 21 2'
#
_entity_poly.entity_id   1
_entity_poly.type   'polypeptide(L)'
_entity_poly.pdbx_seq_one_letter_code
;MDHHHHHHHHTTETGYVQGAEKTVDEVKEQVDAALGAEEMVETLTERNLDLEEKVRELRETVGDLEAMNEMNDELQENAR
ETELELREQLDLAAARVREAEKRVEAAQETVADYQQTIKKYRELTAHLQDVNRELMSQQEA
;
_entity_poly.pdbx_strand_id   A,B,C,D,E
#
# COMPACT_ATOMS: atom_id res chain seq x y z
N MET A 40 121.59 -11.88 82.38
CA MET A 40 121.07 -10.50 82.29
C MET A 40 119.56 -10.47 82.52
N VAL A 41 119.16 -10.35 83.77
CA VAL A 41 117.74 -10.31 84.13
C VAL A 41 117.25 -8.87 84.16
N GLU A 42 117.96 -7.99 83.46
CA GLU A 42 117.45 -6.69 83.25
C GLU A 42 117.50 -6.42 81.80
N THR A 43 118.66 -6.67 81.19
CA THR A 43 118.86 -6.56 79.74
C THR A 43 118.05 -7.62 78.97
N LEU A 44 117.66 -8.66 79.70
CA LEU A 44 116.91 -9.76 79.12
C LEU A 44 115.37 -9.61 79.20
N THR A 45 114.88 -8.96 80.25
CA THR A 45 113.45 -8.60 80.29
C THR A 45 113.12 -7.62 79.17
N GLU A 46 114.13 -6.89 78.73
CA GLU A 46 114.02 -6.00 77.57
C GLU A 46 113.68 -6.81 76.33
N ARG A 47 114.47 -7.85 76.11
CA ARG A 47 114.24 -8.79 75.02
C ARG A 47 112.84 -9.40 75.09
N ASN A 48 112.43 -9.79 76.30
CA ASN A 48 111.10 -10.37 76.51
C ASN A 48 109.99 -9.39 76.18
N LEU A 49 110.14 -8.15 76.60
CA LEU A 49 109.12 -7.15 76.34
C LEU A 49 108.97 -6.92 74.85
N ASP A 50 110.09 -7.00 74.18
CA ASP A 50 110.19 -6.84 72.73
C ASP A 50 109.36 -7.83 71.99
N LEU A 51 109.40 -9.05 72.51
CA LEU A 51 108.71 -10.14 71.89
C LEU A 51 107.23 -10.06 72.09
N GLU A 52 106.82 -9.71 73.29
CA GLU A 52 105.40 -9.60 73.59
C GLU A 52 104.72 -8.63 72.64
N GLU A 53 105.48 -7.67 72.15
CA GLU A 53 104.96 -6.76 71.13
C GLU A 53 104.81 -7.49 69.83
N LYS A 54 105.87 -8.18 69.43
CA LYS A 54 105.83 -8.85 68.14
C LYS A 54 104.64 -9.78 68.02
N VAL A 55 104.30 -10.47 69.11
CA VAL A 55 103.09 -11.32 69.06
C VAL A 55 101.85 -10.50 68.89
N ARG A 56 101.72 -9.45 69.68
CA ARG A 56 100.58 -8.56 69.55
C ARG A 56 100.42 -8.06 68.14
N GLU A 57 101.54 -7.63 67.54
CA GLU A 57 101.56 -7.12 66.16
C GLU A 57 101.11 -8.16 65.20
N LEU A 58 101.66 -9.36 65.33
CA LEU A 58 101.31 -10.44 64.44
C LEU A 58 99.87 -10.89 64.65
N ARG A 59 99.45 -11.07 65.89
CA ARG A 59 98.05 -11.42 66.10
C ARG A 59 97.11 -10.46 65.36
N GLU A 60 97.41 -9.19 65.42
CA GLU A 60 96.57 -8.19 64.78
C GLU A 60 96.56 -8.45 63.28
N THR A 61 97.75 -8.59 62.73
CA THR A 61 97.94 -8.86 61.28
C THR A 61 97.12 -10.06 60.86
N VAL A 62 97.24 -11.13 61.61
CA VAL A 62 96.43 -12.30 61.28
C VAL A 62 94.96 -11.94 61.25
N GLY A 63 94.53 -11.31 62.30
CA GLY A 63 93.17 -10.85 62.32
C GLY A 63 92.75 -10.17 61.04
N ASP A 64 93.64 -9.33 60.49
CA ASP A 64 93.28 -8.58 59.31
C ASP A 64 93.24 -9.47 58.15
N LEU A 65 94.25 -10.30 58.04
CA LEU A 65 94.25 -11.36 56.99
C LEU A 65 92.99 -12.25 56.99
N GLU A 66 92.57 -12.64 58.17
CA GLU A 66 91.37 -13.42 58.27
C GLU A 66 90.22 -12.65 57.73
N ALA A 67 90.09 -11.41 58.15
CA ALA A 67 88.98 -10.54 57.73
C ALA A 67 89.01 -10.27 56.25
N MET A 68 90.19 -10.16 55.71
CA MET A 68 90.38 -9.98 54.25
C MET A 68 89.94 -11.22 53.56
N ASN A 69 90.38 -12.34 54.08
CA ASN A 69 89.94 -13.59 53.51
C ASN A 69 88.44 -13.71 53.56
N GLU A 70 87.88 -13.44 54.73
CA GLU A 70 86.43 -13.49 54.86
C GLU A 70 85.80 -12.65 53.74
N MET A 71 86.33 -11.47 53.52
CA MET A 71 85.77 -10.55 52.56
C MET A 71 85.74 -11.17 51.22
N ASN A 72 86.82 -11.78 50.83
CA ASN A 72 86.81 -12.47 49.56
C ASN A 72 85.73 -13.52 49.42
N ASP A 73 85.48 -14.25 50.49
CA ASP A 73 84.45 -15.30 50.45
C ASP A 73 83.11 -14.69 50.07
N GLU A 74 82.84 -13.54 50.63
CA GLU A 74 81.63 -12.78 50.26
C GLU A 74 81.60 -12.43 48.80
N LEU A 75 82.76 -12.12 48.24
CA LEU A 75 82.81 -11.69 46.84
C LEU A 75 82.63 -12.84 45.95
N GLN A 76 83.28 -13.93 46.29
CA GLN A 76 83.13 -15.17 45.53
C GLN A 76 81.69 -15.59 45.46
N GLU A 77 80.97 -15.53 46.59
CA GLU A 77 79.54 -15.92 46.56
C GLU A 77 78.73 -15.02 45.63
N ASN A 78 78.96 -13.71 45.68
CA ASN A 78 78.22 -12.79 44.80
C ASN A 78 78.57 -12.99 43.36
N ALA A 79 79.83 -13.29 43.12
CA ALA A 79 80.29 -13.47 41.79
C ALA A 79 79.58 -14.65 41.19
N ARG A 80 79.58 -15.77 41.90
CA ARG A 80 79.04 -17.01 41.36
C ARG A 80 77.55 -16.88 41.09
N GLU A 81 76.82 -16.22 41.98
CA GLU A 81 75.40 -16.01 41.77
C GLU A 81 75.12 -15.02 40.62
N THR A 82 75.91 -13.97 40.52
CA THR A 82 75.75 -13.01 39.43
C THR A 82 76.12 -13.60 38.10
N GLU A 83 77.11 -14.44 38.10
CA GLU A 83 77.48 -15.14 36.88
C GLU A 83 76.33 -16.06 36.48
N LEU A 84 75.84 -16.85 37.40
CA LEU A 84 74.73 -17.73 37.09
C LEU A 84 73.48 -16.97 36.60
N GLU A 85 73.17 -15.85 37.25
CA GLU A 85 72.00 -15.05 36.87
C GLU A 85 72.12 -14.62 35.44
N LEU A 86 73.32 -14.26 35.04
CA LEU A 86 73.59 -13.86 33.66
C LEU A 86 73.44 -14.97 32.68
N ARG A 87 74.02 -16.12 33.00
CA ARG A 87 73.90 -17.29 32.15
C ARG A 87 72.43 -17.64 31.93
N GLU A 88 71.62 -17.47 32.96
CA GLU A 88 70.15 -17.64 32.82
C GLU A 88 69.61 -16.66 31.85
N GLN A 89 69.88 -15.41 32.12
CA GLN A 89 69.40 -14.35 31.25
C GLN A 89 69.80 -14.56 29.79
N LEU A 90 71.02 -15.02 29.56
CA LEU A 90 71.47 -15.33 28.20
C LEU A 90 70.66 -16.43 27.52
N ASP A 91 70.42 -17.50 28.25
CA ASP A 91 69.63 -18.60 27.71
C ASP A 91 68.21 -18.15 27.42
N LEU A 92 67.64 -17.32 28.27
CA LEU A 92 66.30 -16.82 28.04
C LEU A 92 66.21 -16.07 26.74
N ALA A 93 67.19 -15.20 26.51
CA ALA A 93 67.20 -14.39 25.30
C ALA A 93 67.42 -15.22 24.05
N ALA A 94 68.35 -16.15 24.15
CA ALA A 94 68.66 -17.01 23.05
C ALA A 94 67.41 -17.79 22.65
N ALA A 95 66.55 -18.07 23.62
CA ALA A 95 65.30 -18.79 23.37
C ALA A 95 64.31 -17.92 22.70
N ARG A 96 64.05 -16.80 23.35
CA ARG A 96 63.21 -15.79 22.79
C ARG A 96 63.55 -15.45 21.35
N VAL A 97 64.85 -15.32 21.03
CA VAL A 97 65.25 -15.09 19.64
C VAL A 97 64.83 -16.24 18.72
N ARG A 98 65.26 -17.47 19.02
CA ARG A 98 65.00 -18.56 18.09
C ARG A 98 63.49 -18.67 17.88
N GLU A 99 62.73 -18.52 18.97
CA GLU A 99 61.29 -18.66 18.88
C GLU A 99 60.71 -17.60 17.95
N ALA A 100 61.11 -16.37 18.15
CA ALA A 100 60.59 -15.29 17.32
C ALA A 100 61.00 -15.45 15.87
N GLU A 101 62.21 -15.96 15.67
CA GLU A 101 62.73 -16.10 14.33
C GLU A 101 61.97 -17.16 13.56
N LYS A 102 61.35 -18.09 14.29
CA LYS A 102 60.54 -19.09 13.65
C LYS A 102 59.13 -18.58 13.44
N ARG A 103 58.67 -17.73 14.34
CA ARG A 103 57.40 -17.05 14.13
C ARG A 103 57.47 -16.22 12.84
N VAL A 104 58.63 -15.62 12.60
CA VAL A 104 58.90 -14.90 11.36
C VAL A 104 58.78 -15.80 10.16
N GLU A 105 59.42 -16.96 10.24
CA GLU A 105 59.43 -17.87 9.11
C GLU A 105 58.01 -18.36 8.77
N ALA A 106 57.23 -18.61 9.81
CA ALA A 106 55.80 -19.00 9.66
C ALA A 106 55.00 -18.01 8.86
N ALA A 107 55.14 -16.77 9.27
CA ALA A 107 54.44 -15.72 8.61
C ALA A 107 54.94 -15.65 7.20
N GLN A 108 56.25 -15.55 7.02
CA GLN A 108 56.81 -15.38 5.68
C GLN A 108 56.27 -16.42 4.72
N GLU A 109 55.99 -17.60 5.23
CA GLU A 109 55.35 -18.64 4.41
C GLU A 109 53.88 -18.31 4.16
N THR A 110 53.17 -18.05 5.24
CA THR A 110 51.77 -17.64 5.16
C THR A 110 51.55 -16.49 4.19
N VAL A 111 52.49 -15.55 4.12
CA VAL A 111 52.34 -14.41 3.25
C VAL A 111 52.48 -14.84 1.83
N ALA A 112 53.49 -15.64 1.55
CA ALA A 112 53.69 -16.08 0.19
C ALA A 112 52.42 -16.77 -0.34
N ASP A 113 51.73 -17.49 0.54
CA ASP A 113 50.48 -18.15 0.16
C ASP A 113 49.46 -17.13 -0.25
N TYR A 114 49.37 -16.10 0.57
CA TYR A 114 48.38 -15.05 0.35
C TYR A 114 48.69 -14.27 -0.88
N GLN A 115 49.94 -13.96 -1.11
CA GLN A 115 50.30 -13.28 -2.36
C GLN A 115 49.80 -14.02 -3.57
N GLN A 116 49.91 -15.34 -3.55
CA GLN A 116 49.40 -16.16 -4.64
C GLN A 116 47.89 -16.09 -4.76
N THR A 117 47.22 -16.17 -3.62
CA THR A 117 45.79 -16.14 -3.64
C THR A 117 45.35 -14.81 -4.21
N ILE A 118 46.02 -13.75 -3.81
CA ILE A 118 45.73 -12.44 -4.31
C ILE A 118 45.98 -12.40 -5.82
N LYS A 119 47.18 -12.76 -6.24
CA LYS A 119 47.54 -12.71 -7.65
C LYS A 119 46.44 -13.31 -8.47
N LYS A 120 45.82 -14.35 -7.94
CA LYS A 120 44.80 -15.01 -8.71
C LYS A 120 43.55 -14.21 -8.71
N TYR A 121 43.14 -13.71 -7.56
CA TYR A 121 41.91 -12.88 -7.53
C TYR A 121 42.04 -11.66 -8.45
N ARG A 122 43.22 -11.07 -8.48
CA ARG A 122 43.45 -9.97 -9.36
C ARG A 122 43.27 -10.35 -10.82
N GLU A 123 43.73 -11.53 -11.19
CA GLU A 123 43.53 -12.00 -12.57
C GLU A 123 42.07 -12.18 -12.86
N LEU A 124 41.37 -12.70 -11.88
CA LEU A 124 39.98 -13.03 -12.08
C LEU A 124 39.19 -11.79 -12.28
N THR A 125 39.30 -10.93 -11.30
CA THR A 125 38.70 -9.61 -11.35
C THR A 125 38.89 -8.95 -12.71
N ALA A 126 40.11 -8.92 -13.19
CA ALA A 126 40.37 -8.41 -14.54
C ALA A 126 39.47 -9.03 -15.54
N HIS A 127 39.48 -10.35 -15.52
CA HIS A 127 38.74 -11.15 -16.48
C HIS A 127 37.27 -10.80 -16.44
N LEU A 128 36.72 -10.65 -15.27
CA LEU A 128 35.31 -10.31 -15.19
C LEU A 128 35.04 -8.93 -15.72
N GLN A 129 35.94 -8.02 -15.40
CA GLN A 129 35.77 -6.67 -15.91
C GLN A 129 35.75 -6.64 -17.40
N ASP A 130 36.64 -7.41 -18.02
CA ASP A 130 36.72 -7.43 -19.46
C ASP A 130 35.44 -7.94 -20.04
N VAL A 131 34.89 -8.96 -19.42
CA VAL A 131 33.65 -9.56 -19.91
C VAL A 131 32.47 -8.67 -19.70
N ASN A 132 32.37 -8.03 -18.54
CA ASN A 132 31.28 -7.09 -18.28
C ASN A 132 31.34 -5.87 -19.19
N ARG A 133 32.51 -5.23 -19.28
CA ARG A 133 32.70 -4.11 -20.19
C ARG A 133 32.26 -4.40 -21.60
N GLU A 134 32.72 -5.52 -22.10
CA GLU A 134 32.38 -5.94 -23.43
C GLU A 134 30.88 -6.21 -23.59
N LEU A 135 30.23 -6.76 -22.58
CA LEU A 135 28.77 -6.98 -22.61
C LEU A 135 27.99 -5.72 -22.60
N MET A 136 28.45 -4.77 -21.81
CA MET A 136 27.80 -3.46 -21.71
C MET A 136 27.79 -2.72 -23.03
N SER A 137 28.90 -2.78 -23.76
CA SER A 137 28.98 -2.12 -25.05
C SER A 137 28.05 -2.76 -26.06
N GLN A 138 27.78 -4.05 -25.88
CA GLN A 138 26.93 -4.77 -26.80
C GLN A 138 25.46 -4.53 -26.63
N GLN A 139 25.04 -4.03 -25.49
CA GLN A 139 23.66 -3.60 -25.37
C GLN A 139 23.54 -2.16 -25.87
N GLU B 42 116.96 -17.26 84.41
CA GLU B 42 116.90 -18.55 83.65
C GLU B 42 115.48 -18.81 83.15
N THR B 43 114.50 -18.50 83.99
CA THR B 43 113.08 -18.70 83.65
C THR B 43 112.66 -17.80 82.51
N LEU B 44 113.09 -16.56 82.65
CA LEU B 44 112.71 -15.52 81.74
C LEU B 44 113.17 -16.12 80.46
N THR B 45 114.18 -16.96 80.53
CA THR B 45 114.66 -17.53 79.29
C THR B 45 113.74 -18.63 78.75
N GLU B 46 113.10 -19.36 79.66
CA GLU B 46 112.12 -20.38 79.26
C GLU B 46 110.97 -19.70 78.55
N ARG B 47 110.45 -18.66 79.20
CA ARG B 47 109.35 -17.89 78.64
C ARG B 47 109.75 -17.24 77.31
N ASN B 48 110.97 -16.72 77.24
CA ASN B 48 111.50 -16.12 76.02
C ASN B 48 111.64 -17.04 74.84
N LEU B 49 112.05 -18.26 75.10
CA LEU B 49 112.12 -19.23 74.02
C LEU B 49 110.73 -19.63 73.53
N ASP B 50 109.81 -19.75 74.48
CA ASP B 50 108.43 -20.07 74.18
C ASP B 50 107.84 -19.10 73.19
N LEU B 51 108.20 -17.85 73.36
CA LEU B 51 107.70 -16.77 72.52
C LEU B 51 108.31 -16.80 71.14
N GLU B 52 109.62 -17.02 71.06
CA GLU B 52 110.27 -17.12 69.76
C GLU B 52 109.65 -18.19 68.89
N GLU B 53 109.05 -19.20 69.51
CA GLU B 53 108.30 -20.18 68.78
C GLU B 53 106.99 -19.57 68.28
N LYS B 54 106.27 -18.95 69.19
CA LYS B 54 104.98 -18.39 68.81
C LYS B 54 105.13 -17.44 67.63
N VAL B 55 106.19 -16.67 67.60
CA VAL B 55 106.46 -15.81 66.47
C VAL B 55 106.67 -16.60 65.21
N ARG B 56 107.51 -17.62 65.28
CA ARG B 56 107.77 -18.49 64.14
C ARG B 56 106.47 -19.09 63.62
N GLU B 57 105.63 -19.56 64.55
CA GLU B 57 104.33 -20.11 64.22
C GLU B 57 103.45 -19.08 63.49
N LEU B 58 103.35 -17.89 64.07
CA LEU B 58 102.50 -16.84 63.50
C LEU B 58 103.04 -16.38 62.16
N ARG B 59 104.34 -16.13 62.08
CA ARG B 59 104.91 -15.75 60.78
C ARG B 59 104.52 -16.74 59.68
N GLU B 60 104.56 -18.02 60.01
CA GLU B 60 104.20 -19.05 59.04
C GLU B 60 102.76 -18.91 58.63
N THR B 61 101.88 -18.81 59.64
CA THR B 61 100.43 -18.64 59.41
C THR B 61 100.16 -17.42 58.56
N VAL B 62 100.82 -16.31 58.83
CA VAL B 62 100.61 -15.09 58.01
C VAL B 62 101.04 -15.31 56.58
N GLY B 63 102.19 -15.94 56.41
CA GLY B 63 102.61 -16.34 55.08
C GLY B 63 101.56 -17.13 54.32
N ASP B 64 100.90 -18.06 55.01
CA ASP B 64 99.93 -18.92 54.29
C ASP B 64 98.71 -18.14 53.92
N LEU B 65 98.21 -17.40 54.91
CA LEU B 65 97.08 -16.50 54.68
C LEU B 65 97.33 -15.57 53.50
N GLU B 66 98.54 -15.00 53.47
CA GLU B 66 98.84 -14.08 52.38
C GLU B 66 98.72 -14.81 51.11
N ALA B 67 99.39 -15.95 51.05
CA ALA B 67 99.48 -16.74 49.81
C ALA B 67 98.12 -17.15 49.33
N MET B 68 97.29 -17.50 50.30
CA MET B 68 95.95 -17.93 49.95
C MET B 68 95.19 -16.76 49.44
N ASN B 69 95.30 -15.63 50.15
CA ASN B 69 94.60 -14.43 49.71
C ASN B 69 95.10 -14.03 48.28
N GLU B 70 96.42 -14.03 48.06
CA GLU B 70 96.99 -13.75 46.74
C GLU B 70 96.37 -14.60 45.69
N MET B 71 96.28 -15.90 45.95
CA MET B 71 95.73 -16.85 44.95
C MET B 71 94.29 -16.49 44.63
N ASN B 72 93.50 -16.25 45.66
CA ASN B 72 92.11 -15.87 45.40
C ASN B 72 91.95 -14.57 44.62
N ASP B 73 92.81 -13.60 44.89
CA ASP B 73 92.74 -12.38 44.13
C ASP B 73 92.87 -12.64 42.64
N GLU B 74 93.82 -13.50 42.28
CA GLU B 74 93.96 -13.87 40.86
C GLU B 74 92.67 -14.48 40.31
N LEU B 75 91.98 -15.23 41.14
CA LEU B 75 90.78 -15.86 40.63
C LEU B 75 89.72 -14.89 40.48
N GLN B 76 89.65 -14.02 41.47
CA GLN B 76 88.70 -12.95 41.41
C GLN B 76 88.91 -12.02 40.25
N GLU B 77 90.16 -11.74 39.92
CA GLU B 77 90.44 -11.03 38.68
C GLU B 77 89.81 -11.70 37.44
N ASN B 78 90.08 -13.00 37.28
CA ASN B 78 89.56 -13.71 36.15
C ASN B 78 88.04 -13.76 36.15
N ALA B 79 87.47 -13.84 37.33
CA ALA B 79 86.01 -13.82 37.43
C ALA B 79 85.48 -12.49 36.96
N ARG B 80 86.11 -11.39 37.39
CA ARG B 80 85.65 -10.09 36.97
C ARG B 80 85.69 -9.92 35.45
N GLU B 81 86.73 -10.40 34.81
CA GLU B 81 86.83 -10.31 33.32
C GLU B 81 85.80 -11.22 32.64
N THR B 82 85.61 -12.42 33.17
CA THR B 82 84.61 -13.31 32.58
C THR B 82 83.22 -12.70 32.63
N GLU B 83 82.94 -12.06 33.74
CA GLU B 83 81.66 -11.32 33.86
C GLU B 83 81.51 -10.19 32.84
N LEU B 84 82.57 -9.42 32.73
CA LEU B 84 82.58 -8.31 31.80
C LEU B 84 82.34 -8.85 30.44
N GLU B 85 82.88 -10.02 30.16
CA GLU B 85 82.62 -10.64 28.86
C GLU B 85 81.17 -10.99 28.69
N LEU B 86 80.60 -11.53 29.75
CA LEU B 86 79.22 -11.96 29.68
C LEU B 86 78.30 -10.82 29.51
N ARG B 87 78.53 -9.79 30.30
CA ARG B 87 77.72 -8.59 30.17
C ARG B 87 77.72 -8.09 28.71
N GLU B 88 78.86 -8.19 28.03
CA GLU B 88 78.91 -7.78 26.62
C GLU B 88 78.10 -8.68 25.74
N GLN B 89 78.29 -9.97 25.91
CA GLN B 89 77.49 -10.92 25.18
C GLN B 89 76.01 -10.71 25.44
N LEU B 90 75.64 -10.36 26.66
CA LEU B 90 74.24 -10.19 27.02
C LEU B 90 73.66 -8.99 26.29
N ASP B 91 74.40 -7.90 26.21
CA ASP B 91 73.90 -6.73 25.50
C ASP B 91 73.70 -7.00 24.01
N LEU B 92 74.61 -7.77 23.41
CA LEU B 92 74.44 -8.18 22.03
C LEU B 92 73.16 -8.98 21.81
N ALA B 93 72.91 -9.92 22.70
CA ALA B 93 71.71 -10.75 22.62
C ALA B 93 70.42 -9.94 22.88
N ALA B 94 70.48 -9.08 23.88
CA ALA B 94 69.34 -8.25 24.21
C ALA B 94 68.96 -7.39 23.00
N ALA B 95 69.96 -7.05 22.19
CA ALA B 95 69.72 -6.31 20.95
C ALA B 95 69.10 -7.20 19.91
N ARG B 96 69.80 -8.28 19.62
CA ARG B 96 69.26 -9.29 18.71
C ARG B 96 67.81 -9.68 19.02
N VAL B 97 67.47 -9.80 20.30
CA VAL B 97 66.10 -10.15 20.70
C VAL B 97 64.93 -9.29 20.16
N ARG B 98 64.98 -7.97 20.21
CA ARG B 98 63.93 -7.31 19.50
C ARG B 98 64.27 -6.78 18.13
N GLU B 99 65.55 -6.82 17.78
CA GLU B 99 65.88 -6.71 16.37
C GLU B 99 64.96 -7.73 15.70
N ALA B 100 64.76 -8.86 16.40
CA ALA B 100 63.86 -9.92 16.01
C ALA B 100 62.39 -9.83 16.42
N GLU B 101 62.12 -9.38 17.63
CA GLU B 101 60.72 -9.32 18.09
C GLU B 101 59.94 -8.15 17.48
N LYS B 102 60.69 -7.25 16.83
CA LYS B 102 60.16 -6.24 15.91
C LYS B 102 59.88 -6.80 14.52
N ARG B 103 60.80 -7.62 14.03
CA ARG B 103 60.66 -8.25 12.71
C ARG B 103 59.44 -9.13 12.69
N VAL B 104 59.20 -9.79 13.81
CA VAL B 104 58.02 -10.60 13.97
C VAL B 104 56.73 -9.77 13.88
N GLU B 105 56.72 -8.64 14.56
CA GLU B 105 55.54 -7.78 14.54
C GLU B 105 55.22 -7.32 13.17
N ALA B 106 56.27 -6.93 12.46
CA ALA B 106 56.14 -6.45 11.07
C ALA B 106 55.43 -7.43 10.21
N ALA B 107 55.91 -8.67 10.25
CA ALA B 107 55.33 -9.69 9.46
C ALA B 107 53.90 -9.93 9.90
N GLN B 108 53.69 -10.18 11.19
CA GLN B 108 52.32 -10.38 11.67
C GLN B 108 51.33 -9.31 11.21
N GLU B 109 51.80 -8.07 11.09
CA GLU B 109 50.97 -7.00 10.59
C GLU B 109 50.76 -7.17 9.09
N THR B 110 51.87 -7.35 8.38
CA THR B 110 51.82 -7.60 6.94
C THR B 110 50.82 -8.73 6.56
N VAL B 111 50.69 -9.76 7.39
CA VAL B 111 49.69 -10.80 7.09
C VAL B 111 48.27 -10.30 7.29
N ALA B 112 48.03 -9.66 8.42
CA ALA B 112 46.72 -9.13 8.68
C ALA B 112 46.30 -8.23 7.55
N ASP B 113 47.26 -7.51 6.96
CA ASP B 113 46.99 -6.61 5.80
C ASP B 113 46.49 -7.40 4.63
N TYR B 114 47.15 -8.52 4.40
CA TYR B 114 46.79 -9.41 3.31
C TYR B 114 45.47 -10.08 3.51
N GLN B 115 45.19 -10.55 4.71
CA GLN B 115 43.84 -11.09 4.98
C GLN B 115 42.75 -10.12 4.63
N GLN B 116 42.98 -8.84 4.94
CA GLN B 116 42.03 -7.78 4.57
C GLN B 116 41.94 -7.61 3.07
N THR B 117 43.10 -7.61 2.42
CA THR B 117 43.12 -7.41 0.98
C THR B 117 42.33 -8.53 0.33
N ILE B 118 42.53 -9.74 0.82
CA ILE B 118 41.80 -10.87 0.30
C ILE B 118 40.32 -10.66 0.57
N LYS B 119 39.97 -10.46 1.84
CA LYS B 119 38.58 -10.33 2.22
C LYS B 119 37.88 -9.33 1.25
N LYS B 120 38.60 -8.30 0.88
CA LYS B 120 38.04 -7.33 -0.03
C LYS B 120 37.92 -7.86 -1.44
N TYR B 121 38.95 -8.48 -1.97
CA TYR B 121 38.83 -9.07 -3.31
C TYR B 121 37.72 -10.08 -3.41
N ARG B 122 37.52 -10.88 -2.38
CA ARG B 122 36.40 -11.79 -2.47
C ARG B 122 35.03 -11.10 -2.46
N GLU B 123 34.92 -9.98 -1.78
CA GLU B 123 33.70 -9.19 -1.86
C GLU B 123 33.51 -8.63 -3.23
N LEU B 124 34.59 -8.15 -3.77
CA LEU B 124 34.52 -7.50 -5.04
C LEU B 124 34.08 -8.49 -6.13
N THR B 125 34.87 -9.53 -6.28
CA THR B 125 34.58 -10.57 -7.24
C THR B 125 33.12 -10.99 -7.13
N ALA B 126 32.63 -11.23 -5.91
CA ALA B 126 31.20 -11.55 -5.76
C ALA B 126 30.34 -10.53 -6.46
N HIS B 127 30.62 -9.29 -6.13
CA HIS B 127 29.88 -8.22 -6.67
C HIS B 127 29.91 -8.20 -8.19
N LEU B 128 31.07 -8.39 -8.77
CA LEU B 128 31.15 -8.44 -10.24
C LEU B 128 30.38 -9.64 -10.82
N GLN B 129 30.43 -10.79 -10.13
CA GLN B 129 29.63 -11.90 -10.58
C GLN B 129 28.17 -11.54 -10.60
N ASP B 130 27.69 -10.89 -9.55
CA ASP B 130 26.27 -10.56 -9.48
C ASP B 130 25.93 -9.70 -10.69
N VAL B 131 26.83 -8.80 -11.02
CA VAL B 131 26.59 -7.87 -12.10
C VAL B 131 26.58 -8.63 -13.38
N ASN B 132 27.59 -9.42 -13.61
CA ASN B 132 27.64 -10.18 -14.83
C ASN B 132 26.40 -11.02 -15.01
N ARG B 133 26.07 -11.77 -13.97
CA ARG B 133 24.88 -12.62 -13.99
C ARG B 133 23.65 -11.87 -14.40
N GLU B 134 23.50 -10.72 -13.77
CA GLU B 134 22.37 -9.85 -14.03
C GLU B 134 22.40 -9.33 -15.47
N LEU B 135 23.56 -9.05 -16.01
CA LEU B 135 23.69 -8.64 -17.42
C LEU B 135 23.37 -9.73 -18.39
N MET B 136 23.82 -10.91 -18.09
CA MET B 136 23.53 -12.05 -18.94
C MET B 136 22.03 -12.29 -19.07
N SER B 137 21.29 -12.16 -17.98
CA SER B 137 19.85 -12.40 -18.02
C SER B 137 19.14 -11.34 -18.84
N GLN B 138 19.72 -10.15 -18.86
CA GLN B 138 19.15 -9.05 -19.62
C GLN B 138 19.29 -9.24 -21.12
N GLN B 139 20.35 -9.88 -21.55
CA GLN B 139 20.46 -10.25 -22.98
C GLN B 139 19.16 -10.84 -23.52
N GLU C 39 1.43 21.43 -41.03
CA GLU C 39 1.12 20.19 -40.26
C GLU C 39 -0.36 19.91 -40.18
N MET C 40 -0.66 18.66 -39.83
CA MET C 40 -2.02 18.25 -39.53
C MET C 40 -2.47 19.04 -38.36
N VAL C 41 -1.57 19.05 -37.40
CA VAL C 41 -1.95 19.50 -36.09
C VAL C 41 -2.30 20.98 -36.13
N GLU C 42 -1.99 21.64 -37.23
CA GLU C 42 -2.75 22.80 -37.56
C GLU C 42 -4.12 22.42 -38.16
N THR C 43 -4.11 21.55 -39.16
CA THR C 43 -5.32 21.28 -39.90
C THR C 43 -6.30 20.54 -39.01
N LEU C 44 -5.79 19.61 -38.22
CA LEU C 44 -6.68 18.64 -37.60
C LEU C 44 -7.37 19.27 -36.43
N THR C 45 -6.62 20.05 -35.68
CA THR C 45 -7.15 20.66 -34.45
C THR C 45 -8.26 21.71 -34.71
N GLU C 46 -8.16 22.35 -35.86
CA GLU C 46 -9.20 23.25 -36.30
C GLU C 46 -10.52 22.51 -36.59
N ARG C 47 -10.42 21.43 -37.33
CA ARG C 47 -11.55 20.53 -37.58
C ARG C 47 -12.15 19.99 -36.28
N ASN C 48 -11.29 19.62 -35.36
CA ASN C 48 -11.72 19.08 -34.07
C ASN C 48 -12.45 20.08 -33.21
N LEU C 49 -11.98 21.31 -33.19
CA LEU C 49 -12.69 22.37 -32.49
C LEU C 49 -14.08 22.65 -33.09
N ASP C 50 -14.13 22.61 -34.42
CA ASP C 50 -15.37 22.80 -35.16
C ASP C 50 -16.43 21.84 -34.69
N LEU C 51 -15.98 20.63 -34.42
CA LEU C 51 -16.89 19.58 -34.01
C LEU C 51 -17.37 19.79 -32.59
N GLU C 52 -16.48 20.17 -31.69
CA GLU C 52 -16.88 20.40 -30.31
C GLU C 52 -17.98 21.43 -30.20
N GLU C 53 -18.06 22.32 -31.20
CA GLU C 53 -19.19 23.24 -31.29
C GLU C 53 -20.46 22.53 -31.73
N LYS C 54 -20.37 21.81 -32.82
CA LYS C 54 -21.53 21.11 -33.29
C LYS C 54 -22.17 20.25 -32.20
N VAL C 55 -21.37 19.59 -31.36
CA VAL C 55 -21.97 18.80 -30.27
C VAL C 55 -22.67 19.71 -29.33
N ARG C 56 -22.03 20.82 -28.94
CA ARG C 56 -22.64 21.76 -28.03
C ARG C 56 -23.97 22.21 -28.56
N GLU C 57 -23.97 22.54 -29.84
CA GLU C 57 -25.20 22.96 -30.51
C GLU C 57 -26.30 21.89 -30.46
N LEU C 58 -25.91 20.67 -30.80
CA LEU C 58 -26.87 19.56 -30.84
C LEU C 58 -27.33 19.17 -29.44
N ARG C 59 -26.41 19.10 -28.49
CA ARG C 59 -26.83 18.85 -27.10
C ARG C 59 -27.92 19.82 -26.67
N GLU C 60 -27.75 21.09 -27.02
CA GLU C 60 -28.71 22.11 -26.63
C GLU C 60 -30.07 21.87 -27.26
N THR C 61 -30.04 21.68 -28.58
CA THR C 61 -31.24 21.31 -29.35
C THR C 61 -31.97 20.11 -28.75
N VAL C 62 -31.23 19.06 -28.49
CA VAL C 62 -31.84 17.85 -27.97
C VAL C 62 -32.46 18.13 -26.63
N GLY C 63 -31.80 18.91 -25.81
CA GLY C 63 -32.39 19.34 -24.54
C GLY C 63 -33.74 20.00 -24.70
N ASP C 64 -33.87 20.86 -25.71
CA ASP C 64 -35.12 21.59 -25.89
C ASP C 64 -36.18 20.66 -26.35
N LEU C 65 -35.82 19.86 -27.34
CA LEU C 65 -36.77 18.82 -27.85
C LEU C 65 -37.29 17.90 -26.73
N GLU C 66 -36.40 17.49 -25.87
CA GLU C 66 -36.81 16.71 -24.74
C GLU C 66 -37.78 17.41 -23.90
N ALA C 67 -37.44 18.62 -23.50
CA ALA C 67 -38.28 19.39 -22.58
C ALA C 67 -39.63 19.63 -23.16
N MET C 68 -39.63 19.88 -24.45
CA MET C 68 -40.89 20.17 -25.11
C MET C 68 -41.70 18.96 -25.14
N ASN C 69 -41.08 17.86 -25.49
CA ASN C 69 -41.76 16.59 -25.45
C ASN C 69 -42.35 16.34 -24.08
N GLU C 70 -41.52 16.45 -23.05
CA GLU C 70 -41.98 16.25 -21.66
C GLU C 70 -43.21 17.08 -21.38
N MET C 71 -43.20 18.35 -21.76
CA MET C 71 -44.36 19.21 -21.51
C MET C 71 -45.63 18.76 -22.23
N ASN C 72 -45.50 18.45 -23.50
CA ASN C 72 -46.64 17.86 -24.25
C ASN C 72 -47.18 16.54 -23.66
N ASP C 73 -46.30 15.66 -23.19
CA ASP C 73 -46.75 14.45 -22.60
C ASP C 73 -47.72 14.80 -21.45
N GLU C 74 -47.36 15.77 -20.61
CA GLU C 74 -48.25 16.14 -19.51
C GLU C 74 -49.61 16.62 -20.03
N LEU C 75 -49.62 17.28 -21.15
CA LEU C 75 -50.89 17.79 -21.66
C LEU C 75 -51.68 16.67 -22.22
N GLN C 76 -51.03 15.79 -22.94
CA GLN C 76 -51.71 14.61 -23.44
C GLN C 76 -52.28 13.78 -22.28
N GLU C 77 -51.53 13.68 -21.18
CA GLU C 77 -52.04 13.01 -19.98
C GLU C 77 -53.35 13.59 -19.46
N ASN C 78 -53.38 14.89 -19.34
CA ASN C 78 -54.57 15.54 -18.86
C ASN C 78 -55.71 15.36 -19.82
N ALA C 79 -55.39 15.41 -21.10
CA ALA C 79 -56.42 15.28 -22.11
C ALA C 79 -57.06 13.88 -22.01
N ARG C 80 -56.23 12.86 -21.87
CA ARG C 80 -56.73 11.51 -21.74
C ARG C 80 -57.63 11.37 -20.53
N GLU C 81 -57.21 11.95 -19.42
CA GLU C 81 -58.03 11.83 -18.21
C GLU C 81 -59.32 12.57 -18.37
N THR C 82 -59.26 13.73 -18.96
CA THR C 82 -60.47 14.51 -19.14
C THR C 82 -61.39 13.80 -20.09
N GLU C 83 -60.81 13.16 -21.08
CA GLU C 83 -61.62 12.37 -22.00
C GLU C 83 -62.28 11.20 -21.24
N LEU C 84 -61.51 10.45 -20.48
CA LEU C 84 -62.12 9.35 -19.69
C LEU C 84 -63.18 9.85 -18.70
N GLU C 85 -62.92 10.98 -18.05
CA GLU C 85 -63.87 11.53 -17.11
C GLU C 85 -65.20 11.81 -17.80
N LEU C 86 -65.14 12.27 -19.05
CA LEU C 86 -66.37 12.52 -19.82
C LEU C 86 -67.10 11.30 -20.20
N ARG C 87 -66.34 10.31 -20.62
CA ARG C 87 -66.92 9.03 -20.98
C ARG C 87 -67.65 8.46 -19.79
N GLU C 88 -67.09 8.65 -18.60
CA GLU C 88 -67.79 8.21 -17.37
C GLU C 88 -69.10 8.91 -17.30
N GLN C 89 -69.05 10.23 -17.33
CA GLN C 89 -70.25 11.02 -17.16
C GLN C 89 -71.29 10.63 -18.20
N LEU C 90 -70.86 10.32 -19.41
CA LEU C 90 -71.82 9.85 -20.44
C LEU C 90 -72.52 8.52 -20.12
N ASP C 91 -71.73 7.55 -19.67
CA ASP C 91 -72.29 6.27 -19.27
C ASP C 91 -73.23 6.42 -18.08
N LEU C 92 -72.90 7.29 -17.16
CA LEU C 92 -73.79 7.53 -16.01
C LEU C 92 -75.15 7.99 -16.47
N ALA C 93 -75.14 8.93 -17.41
CA ALA C 93 -76.38 9.50 -17.88
C ALA C 93 -77.20 8.48 -18.69
N ALA C 94 -76.51 7.75 -19.51
CA ALA C 94 -77.15 6.75 -20.30
C ALA C 94 -77.82 5.72 -19.40
N ALA C 95 -77.25 5.51 -18.22
CA ALA C 95 -77.82 4.58 -17.23
C ALA C 95 -79.05 5.18 -16.62
N ARG C 96 -78.87 6.39 -16.12
CA ARG C 96 -79.97 7.12 -15.51
C ARG C 96 -81.17 7.16 -16.41
N VAL C 97 -80.94 7.37 -17.70
CA VAL C 97 -82.04 7.36 -18.65
C VAL C 97 -82.72 6.02 -18.68
N ARG C 98 -81.97 4.96 -18.99
CA ARG C 98 -82.53 3.60 -19.13
C ARG C 98 -83.33 3.21 -17.90
N GLU C 99 -82.77 3.48 -16.73
CA GLU C 99 -83.46 3.24 -15.47
C GLU C 99 -84.80 3.99 -15.39
N ALA C 100 -84.76 5.27 -15.64
CA ALA C 100 -85.99 6.04 -15.57
C ALA C 100 -86.99 5.60 -16.65
N GLU C 101 -86.50 5.21 -17.82
CA GLU C 101 -87.41 4.77 -18.88
C GLU C 101 -88.13 3.50 -18.46
N LYS C 102 -87.47 2.72 -17.64
CA LYS C 102 -88.08 1.51 -17.09
C LYS C 102 -89.15 1.86 -16.07
N ARG C 103 -88.85 2.84 -15.27
CA ARG C 103 -89.80 3.31 -14.25
C ARG C 103 -91.06 3.82 -14.94
N VAL C 104 -90.86 4.48 -16.06
CA VAL C 104 -91.98 5.00 -16.82
C VAL C 104 -92.85 3.87 -17.33
N GLU C 105 -92.22 2.83 -17.85
CA GLU C 105 -92.99 1.69 -18.40
C GLU C 105 -93.83 1.08 -17.32
N ALA C 106 -93.24 0.96 -16.15
CA ALA C 106 -93.92 0.36 -14.99
C ALA C 106 -95.20 1.05 -14.67
N ALA C 107 -95.08 2.35 -14.57
CA ALA C 107 -96.21 3.15 -14.28
C ALA C 107 -97.21 2.94 -15.40
N GLN C 108 -96.78 3.12 -16.64
CA GLN C 108 -97.73 3.10 -17.76
C GLN C 108 -98.56 1.86 -17.73
N GLU C 109 -97.95 0.79 -17.27
CA GLU C 109 -98.68 -0.44 -17.12
C GLU C 109 -99.66 -0.36 -15.93
N THR C 110 -99.13 0.08 -14.80
CA THR C 110 -99.95 0.28 -13.60
C THR C 110 -101.18 1.10 -13.89
N VAL C 111 -101.06 2.08 -14.79
CA VAL C 111 -102.22 2.95 -15.04
C VAL C 111 -103.23 2.19 -15.82
N ALA C 112 -102.78 1.47 -16.83
CA ALA C 112 -103.73 0.75 -17.64
C ALA C 112 -104.55 -0.19 -16.77
N ASP C 113 -103.92 -0.72 -15.72
CA ASP C 113 -104.63 -1.60 -14.75
C ASP C 113 -105.72 -0.84 -14.03
N TYR C 114 -105.33 0.35 -13.61
CA TYR C 114 -106.21 1.20 -12.85
C TYR C 114 -107.33 1.67 -13.71
N GLN C 115 -107.06 1.99 -14.95
CA GLN C 115 -108.22 2.38 -15.82
C GLN C 115 -109.30 1.35 -15.88
N GLN C 116 -108.89 0.07 -15.92
CA GLN C 116 -109.84 -1.01 -15.92
C GLN C 116 -110.58 -1.08 -14.59
N THR C 117 -109.85 -0.93 -13.52
CA THR C 117 -110.52 -0.99 -12.22
C THR C 117 -111.54 0.16 -12.12
N ILE C 118 -111.16 1.34 -12.60
CA ILE C 118 -112.05 2.47 -12.54
C ILE C 118 -113.26 2.19 -13.39
N LYS C 119 -113.03 1.85 -14.64
CA LYS C 119 -114.13 1.50 -15.55
C LYS C 119 -115.15 0.62 -14.86
N LYS C 120 -114.66 -0.28 -14.04
CA LYS C 120 -115.61 -1.16 -13.37
C LYS C 120 -116.33 -0.48 -12.25
N TYR C 121 -115.60 0.23 -11.41
CA TYR C 121 -116.28 0.99 -10.32
C TYR C 121 -117.33 1.98 -10.87
N ARG C 122 -117.06 2.62 -11.98
CA ARG C 122 -118.11 3.47 -12.49
C ARG C 122 -119.35 2.73 -13.01
N GLU C 123 -119.16 1.54 -13.54
CA GLU C 123 -120.32 0.73 -13.91
C GLU C 123 -121.10 0.37 -12.68
N LEU C 124 -120.36 0.03 -11.66
CA LEU C 124 -121.00 -0.53 -10.46
C LEU C 124 -121.82 0.51 -9.75
N THR C 125 -121.16 1.59 -9.39
CA THR C 125 -121.84 2.75 -8.85
C THR C 125 -123.10 3.11 -9.63
N ALA C 126 -123.03 3.18 -10.96
CA ALA C 126 -124.26 3.38 -11.75
C ALA C 126 -125.34 2.43 -11.33
N HIS C 127 -124.96 1.18 -11.34
CA HIS C 127 -125.89 0.14 -11.08
C HIS C 127 -126.51 0.29 -9.74
N LEU C 128 -125.72 0.61 -8.75
CA LEU C 128 -126.29 0.79 -7.40
C LEU C 128 -127.20 2.03 -7.33
N GLN C 129 -126.83 3.09 -8.05
CA GLN C 129 -127.72 4.19 -8.14
C GLN C 129 -129.06 3.75 -8.70
N ASP C 130 -129.07 2.98 -9.77
CA ASP C 130 -130.34 2.63 -10.42
C ASP C 130 -131.17 1.89 -9.41
N VAL C 131 -130.53 1.08 -8.62
CA VAL C 131 -131.25 0.31 -7.62
C VAL C 131 -131.79 1.23 -6.55
N ASN C 132 -130.94 2.08 -6.04
CA ASN C 132 -131.36 2.99 -5.01
C ASN C 132 -132.53 3.82 -5.50
N ARG C 133 -132.37 4.45 -6.65
CA ARG C 133 -133.41 5.25 -7.25
C ARG C 133 -134.73 4.51 -7.29
N GLU C 134 -134.67 3.27 -7.77
CA GLU C 134 -135.85 2.43 -7.88
C GLU C 134 -136.45 2.16 -6.51
N LEU C 135 -135.62 1.93 -5.52
CA LEU C 135 -136.10 1.72 -4.16
C LEU C 135 -136.77 2.95 -3.59
N MET C 136 -136.18 4.11 -3.83
CA MET C 136 -136.70 5.35 -3.30
C MET C 136 -138.08 5.62 -3.82
N SER C 137 -138.32 5.32 -5.10
CA SER C 137 -139.63 5.57 -5.68
C SER C 137 -140.68 4.62 -5.12
N GLN C 138 -140.24 3.45 -4.71
CA GLN C 138 -141.19 2.46 -4.22
C GLN C 138 -141.54 2.59 -2.72
N GLN C 139 -140.73 3.28 -1.92
CA GLN C 139 -141.07 3.49 -0.50
C GLN C 139 -142.23 4.48 -0.30
N VAL D 41 -0.94 13.72 -33.14
CA VAL D 41 -1.73 13.42 -34.34
C VAL D 41 -2.55 12.19 -34.00
N GLU D 42 -1.85 11.19 -33.50
CA GLU D 42 -2.47 9.91 -33.25
C GLU D 42 -3.38 9.92 -32.05
N THR D 43 -2.99 10.65 -31.03
CA THR D 43 -3.86 10.85 -29.91
C THR D 43 -5.06 11.66 -30.37
N LEU D 44 -4.79 12.66 -31.18
CA LEU D 44 -5.77 13.70 -31.42
C LEU D 44 -6.78 13.30 -32.49
N THR D 45 -6.33 12.56 -33.50
CA THR D 45 -7.24 12.03 -34.51
C THR D 45 -8.20 11.02 -33.88
N GLU D 46 -7.76 10.39 -32.81
CA GLU D 46 -8.63 9.48 -32.06
C GLU D 46 -9.79 10.28 -31.49
N ARG D 47 -9.47 11.45 -30.94
CA ARG D 47 -10.49 12.36 -30.41
C ARG D 47 -11.49 12.82 -31.49
N ASN D 48 -10.96 13.13 -32.66
CA ASN D 48 -11.77 13.59 -33.79
C ASN D 48 -12.76 12.56 -34.23
N LEU D 49 -12.30 11.33 -34.29
CA LEU D 49 -13.18 10.21 -34.63
C LEU D 49 -14.26 10.02 -33.58
N ASP D 50 -13.89 10.19 -32.32
CA ASP D 50 -14.82 10.07 -31.20
C ASP D 50 -15.96 11.05 -31.35
N LEU D 51 -15.62 12.24 -31.79
CA LEU D 51 -16.58 13.30 -31.90
C LEU D 51 -17.49 13.10 -33.07
N GLU D 52 -16.95 12.67 -34.19
CA GLU D 52 -17.77 12.46 -35.37
C GLU D 52 -18.91 11.49 -35.01
N GLU D 53 -18.62 10.56 -34.11
CA GLU D 53 -19.65 9.65 -33.64
C GLU D 53 -20.69 10.41 -32.85
N LYS D 54 -20.24 11.17 -31.88
CA LYS D 54 -21.17 11.90 -31.04
C LYS D 54 -22.15 12.70 -31.88
N VAL D 55 -21.66 13.31 -32.96
CA VAL D 55 -22.57 14.01 -33.86
C VAL D 55 -23.59 13.09 -34.49
N ARG D 56 -23.11 12.00 -35.04
CA ARG D 56 -23.98 11.05 -35.65
C ARG D 56 -25.03 10.62 -34.65
N GLU D 57 -24.60 10.32 -33.42
CA GLU D 57 -25.51 9.92 -32.33
C GLU D 57 -26.59 10.96 -32.06
N LEU D 58 -26.16 12.21 -31.91
CA LEU D 58 -27.09 13.28 -31.62
C LEU D 58 -27.99 13.51 -32.81
N ARG D 59 -27.44 13.57 -34.02
CA ARG D 59 -28.32 13.76 -35.18
C ARG D 59 -29.45 12.71 -35.20
N GLU D 60 -29.11 11.48 -34.87
CA GLU D 60 -30.09 10.45 -34.86
C GLU D 60 -31.19 10.74 -33.83
N THR D 61 -30.73 11.02 -32.62
CA THR D 61 -31.62 11.33 -31.48
C THR D 61 -32.59 12.41 -31.88
N VAL D 62 -32.06 13.48 -32.42
CA VAL D 62 -32.92 14.53 -32.85
C VAL D 62 -33.97 14.02 -33.80
N GLY D 63 -33.48 13.30 -34.80
CA GLY D 63 -34.41 12.75 -35.80
C GLY D 63 -35.58 12.06 -35.14
N ASP D 64 -35.30 11.35 -34.05
CA ASP D 64 -36.37 10.59 -33.41
C ASP D 64 -37.26 11.46 -32.69
N LEU D 65 -36.69 12.37 -31.94
CA LEU D 65 -37.52 13.43 -31.23
C LEU D 65 -38.41 14.23 -32.19
N GLU D 66 -37.87 14.60 -33.34
CA GLU D 66 -38.70 15.24 -34.34
C GLU D 66 -39.86 14.41 -34.80
N ALA D 67 -39.56 13.17 -35.19
CA ALA D 67 -40.60 12.25 -35.67
C ALA D 67 -41.68 11.94 -34.64
N MET D 68 -41.22 11.84 -33.40
CA MET D 68 -42.16 11.52 -32.35
C MET D 68 -43.03 12.72 -32.15
N ASN D 69 -42.39 13.90 -32.11
CA ASN D 69 -43.14 15.08 -31.92
C ASN D 69 -44.21 15.16 -32.99
N GLU D 70 -43.82 14.99 -34.24
CA GLU D 70 -44.81 15.07 -35.31
C GLU D 70 -46.01 14.18 -35.04
N MET D 71 -45.73 12.94 -34.67
CA MET D 71 -46.79 11.96 -34.42
C MET D 71 -47.71 12.41 -33.30
N ASN D 72 -47.13 12.89 -32.21
CA ASN D 72 -47.94 13.41 -31.13
C ASN D 72 -48.84 14.54 -31.53
N ASP D 73 -48.35 15.42 -32.38
CA ASP D 73 -49.19 16.53 -32.84
C ASP D 73 -50.47 16.03 -33.46
N GLU D 74 -50.34 15.02 -34.30
CA GLU D 74 -51.52 14.42 -34.90
C GLU D 74 -52.47 13.84 -33.87
N LEU D 75 -51.92 13.30 -32.81
CA LEU D 75 -52.80 12.73 -31.78
C LEU D 75 -53.46 13.78 -30.98
N GLN D 76 -52.70 14.80 -30.62
CA GLN D 76 -53.30 15.95 -29.93
C GLN D 76 -54.41 16.55 -30.73
N GLU D 77 -54.22 16.63 -32.04
CA GLU D 77 -55.29 17.11 -32.89
C GLU D 77 -56.57 16.33 -32.76
N ASN D 78 -56.45 15.04 -32.92
CA ASN D 78 -57.60 14.18 -32.81
C ASN D 78 -58.23 14.26 -31.44
N ALA D 79 -57.41 14.42 -30.44
CA ALA D 79 -57.91 14.45 -29.08
C ALA D 79 -58.80 15.64 -28.89
N ARG D 80 -58.33 16.79 -29.34
CA ARG D 80 -59.06 18.00 -29.14
C ARG D 80 -60.41 17.92 -29.81
N GLU D 81 -60.44 17.41 -31.04
CA GLU D 81 -61.72 17.30 -31.78
C GLU D 81 -62.66 16.28 -31.15
N THR D 82 -62.12 15.14 -30.72
CA THR D 82 -62.97 14.16 -30.03
C THR D 82 -63.45 14.71 -28.68
N GLU D 83 -62.67 15.55 -28.02
CA GLU D 83 -63.10 16.09 -26.74
C GLU D 83 -64.28 16.98 -26.97
N LEU D 84 -64.17 17.89 -27.91
CA LEU D 84 -65.33 18.78 -28.14
C LEU D 84 -66.59 18.02 -28.60
N GLU D 85 -66.39 17.02 -29.45
CA GLU D 85 -67.52 16.23 -29.90
C GLU D 85 -68.24 15.54 -28.73
N LEU D 86 -67.46 15.11 -27.74
CA LEU D 86 -68.01 14.47 -26.55
C LEU D 86 -68.77 15.41 -25.67
N ARG D 87 -68.19 16.57 -25.46
CA ARG D 87 -68.89 17.64 -24.74
C ARG D 87 -70.28 17.96 -25.36
N GLU D 88 -70.35 17.94 -26.69
CA GLU D 88 -71.65 18.06 -27.39
C GLU D 88 -72.56 16.93 -27.03
N GLN D 89 -72.06 15.73 -27.24
CA GLN D 89 -72.86 14.56 -26.91
C GLN D 89 -73.27 14.54 -25.46
N LEU D 90 -72.42 15.05 -24.56
CA LEU D 90 -72.76 15.13 -23.14
C LEU D 90 -73.91 16.08 -22.87
N ASP D 91 -73.91 17.25 -23.50
CA ASP D 91 -75.03 18.17 -23.29
C ASP D 91 -76.35 17.61 -23.80
N LEU D 92 -76.30 16.89 -24.91
CA LEU D 92 -77.49 16.23 -25.44
C LEU D 92 -78.04 15.22 -24.47
N ALA D 93 -77.16 14.43 -23.88
CA ALA D 93 -77.57 13.42 -22.90
C ALA D 93 -78.09 14.01 -21.60
N ALA D 94 -77.40 15.03 -21.15
CA ALA D 94 -77.81 15.71 -19.95
C ALA D 94 -79.24 16.25 -20.11
N ALA D 95 -79.61 16.59 -21.34
CA ALA D 95 -80.96 17.08 -21.64
C ALA D 95 -81.92 15.94 -21.63
N ARG D 96 -81.59 14.94 -22.43
CA ARG D 96 -82.37 13.72 -22.46
C ARG D 96 -82.65 13.14 -21.07
N VAL D 97 -81.65 13.17 -20.17
CA VAL D 97 -81.87 12.74 -18.77
C VAL D 97 -82.91 13.59 -18.06
N ARG D 98 -82.72 14.91 -18.02
CA ARG D 98 -83.65 15.76 -17.29
C ARG D 98 -85.07 15.50 -17.76
N GLU D 99 -85.20 15.46 -19.08
CA GLU D 99 -86.50 15.31 -19.67
C GLU D 99 -87.12 13.99 -19.25
N ALA D 100 -86.35 12.91 -19.34
CA ALA D 100 -86.87 11.59 -18.95
C ALA D 100 -87.19 11.47 -17.47
N GLU D 101 -86.39 12.10 -16.65
CA GLU D 101 -86.67 12.09 -15.20
C GLU D 101 -87.86 12.97 -14.79
N LYS D 102 -88.37 13.79 -15.71
CA LYS D 102 -89.64 14.45 -15.47
C LYS D 102 -90.77 13.66 -16.08
N ARG D 103 -90.51 12.93 -17.17
CA ARG D 103 -91.53 12.02 -17.70
C ARG D 103 -91.91 11.01 -16.64
N VAL D 104 -90.89 10.59 -15.89
CA VAL D 104 -91.12 9.64 -14.81
C VAL D 104 -92.00 10.25 -13.73
N GLU D 105 -91.72 11.50 -13.39
CA GLU D 105 -92.52 12.18 -12.36
C GLU D 105 -93.97 12.29 -12.74
N ALA D 106 -94.18 12.62 -14.01
CA ALA D 106 -95.52 12.77 -14.58
C ALA D 106 -96.31 11.53 -14.37
N ALA D 107 -95.71 10.41 -14.78
CA ALA D 107 -96.40 9.14 -14.67
C ALA D 107 -96.66 8.82 -13.22
N GLN D 108 -95.61 8.87 -12.42
CA GLN D 108 -95.79 8.62 -10.98
C GLN D 108 -96.94 9.43 -10.36
N GLU D 109 -97.12 10.64 -10.83
CA GLU D 109 -98.22 11.45 -10.36
C GLU D 109 -99.53 10.90 -10.91
N THR D 110 -99.54 10.68 -12.22
CA THR D 110 -100.72 10.14 -12.88
C THR D 110 -101.27 8.91 -12.15
N VAL D 111 -100.37 8.10 -11.63
CA VAL D 111 -100.82 6.92 -10.92
C VAL D 111 -101.46 7.30 -9.62
N ALA D 112 -100.75 8.13 -8.87
CA ALA D 112 -101.26 8.55 -7.60
C ALA D 112 -102.66 9.15 -7.77
N ASP D 113 -102.89 9.82 -8.91
CA ASP D 113 -104.22 10.38 -9.20
C ASP D 113 -105.24 9.30 -9.28
N TYR D 114 -104.88 8.27 -10.03
CA TYR D 114 -105.79 7.14 -10.21
C TYR D 114 -106.04 6.37 -8.97
N GLN D 115 -105.01 6.12 -8.18
CA GLN D 115 -105.29 5.53 -6.85
C GLN D 115 -106.34 6.33 -6.05
N GLN D 116 -106.25 7.67 -6.10
CA GLN D 116 -107.24 8.51 -5.42
C GLN D 116 -108.63 8.33 -5.99
N THR D 117 -108.70 8.30 -7.31
CA THR D 117 -109.99 8.25 -7.94
C THR D 117 -110.62 6.98 -7.53
N ILE D 118 -109.82 5.93 -7.47
CA ILE D 118 -110.32 4.62 -7.03
C ILE D 118 -110.76 4.73 -5.58
N LYS D 119 -109.84 5.11 -4.72
CA LYS D 119 -110.14 5.21 -3.30
C LYS D 119 -111.50 5.85 -3.10
N LYS D 120 -111.78 6.85 -3.91
CA LYS D 120 -113.01 7.56 -3.75
C LYS D 120 -114.17 6.74 -4.23
N TYR D 121 -114.07 6.19 -5.42
CA TYR D 121 -115.17 5.34 -5.87
C TYR D 121 -115.44 4.19 -4.85
N ARG D 122 -114.40 3.63 -4.24
CA ARG D 122 -114.70 2.60 -3.26
C ARG D 122 -115.41 3.11 -2.05
N GLU D 123 -115.12 4.32 -1.66
CA GLU D 123 -115.88 4.93 -0.57
C GLU D 123 -117.32 5.07 -0.99
N LEU D 124 -117.51 5.49 -2.23
CA LEU D 124 -118.84 5.85 -2.67
C LEU D 124 -119.68 4.63 -2.72
N THR D 125 -119.21 3.66 -3.48
CA THR D 125 -119.89 2.31 -3.53
C THR D 125 -120.28 1.81 -2.14
N ALA D 126 -119.36 1.88 -1.18
CA ALA D 126 -119.71 1.52 0.19
C ALA D 126 -120.90 2.28 0.66
N HIS D 127 -120.83 3.57 0.49
CA HIS D 127 -121.84 4.45 0.96
C HIS D 127 -123.17 4.11 0.35
N LEU D 128 -123.20 3.81 -0.94
CA LEU D 128 -124.48 3.44 -1.58
C LEU D 128 -125.01 2.13 -1.08
N GLN D 129 -124.11 1.22 -0.84
CA GLN D 129 -124.55 -0.02 -0.28
C GLN D 129 -125.18 0.16 1.06
N ASP D 130 -124.57 0.98 1.89
CA ASP D 130 -125.09 1.17 3.25
C ASP D 130 -126.49 1.74 3.16
N VAL D 131 -126.68 2.63 2.23
CA VAL D 131 -127.94 3.26 2.06
C VAL D 131 -128.96 2.28 1.57
N ASN D 132 -128.63 1.57 0.50
CA ASN D 132 -129.58 0.62 -0.05
C ASN D 132 -129.97 -0.44 1.03
N ARG D 133 -128.98 -1.01 1.69
CA ARG D 133 -129.19 -1.98 2.77
C ARG D 133 -130.19 -1.47 3.76
N GLU D 134 -129.95 -0.24 4.18
CA GLU D 134 -130.78 0.38 5.18
C GLU D 134 -132.20 0.59 4.66
N LEU D 135 -132.35 0.94 3.40
CA LEU D 135 -133.67 1.07 2.78
C LEU D 135 -134.40 -0.22 2.68
N MET D 136 -133.68 -1.26 2.33
CA MET D 136 -134.29 -2.58 2.21
C MET D 136 -134.86 -3.08 3.53
N SER D 137 -134.16 -2.83 4.63
CA SER D 137 -134.65 -3.26 5.96
C SER D 137 -135.88 -2.46 6.36
N GLN D 138 -136.00 -1.23 5.85
CA GLN D 138 -137.14 -0.39 6.15
C GLN D 138 -138.42 -0.74 5.41
N GLN D 139 -138.31 -1.60 4.40
CA GLN D 139 -139.49 -2.25 3.82
C GLN D 139 -139.75 -3.56 4.55
N GLU D 140 -138.67 -4.25 4.92
CA GLU D 140 -138.72 -5.45 5.79
C GLU D 140 -138.34 -5.18 7.26
N LEU E 44 68.77 -4.39 6.18
CA LEU E 44 68.04 -3.12 5.87
C LEU E 44 67.52 -3.07 4.46
N THR E 45 68.44 -3.04 3.52
CA THR E 45 68.06 -2.72 2.16
C THR E 45 67.20 -3.85 1.58
N GLU E 46 67.10 -4.94 2.32
CA GLU E 46 66.12 -5.95 1.98
C GLU E 46 64.76 -5.34 2.11
N ARG E 47 64.57 -4.60 3.20
CA ARG E 47 63.42 -3.74 3.40
C ARG E 47 63.25 -2.57 2.39
N ASN E 48 64.31 -1.85 2.01
CA ASN E 48 64.15 -0.89 0.90
C ASN E 48 63.56 -1.61 -0.31
N LEU E 49 63.95 -2.85 -0.51
CA LEU E 49 63.35 -3.74 -1.53
C LEU E 49 61.89 -4.28 -1.30
N ASP E 50 61.60 -4.68 -0.06
CA ASP E 50 60.31 -5.25 0.29
C ASP E 50 59.17 -4.21 0.06
N LEU E 51 59.42 -2.98 0.44
CA LEU E 51 58.45 -1.90 0.27
C LEU E 51 58.17 -1.61 -1.21
N GLU E 52 59.19 -1.60 -2.05
CA GLU E 52 59.00 -1.34 -3.51
C GLU E 52 58.02 -2.37 -4.15
N GLU E 53 57.93 -3.56 -3.52
CA GLU E 53 56.91 -4.56 -3.89
C GLU E 53 55.53 -4.10 -3.37
N LYS E 54 55.46 -3.71 -2.11
CA LYS E 54 54.20 -3.23 -1.51
C LYS E 54 53.54 -2.11 -2.34
N VAL E 55 54.34 -1.19 -2.82
CA VAL E 55 53.87 -0.14 -3.75
C VAL E 55 53.29 -0.74 -5.04
N ARG E 56 54.06 -1.62 -5.67
CA ARG E 56 53.62 -2.32 -6.89
C ARG E 56 52.27 -3.00 -6.62
N GLU E 57 52.18 -3.69 -5.49
CA GLU E 57 50.95 -4.37 -5.02
C GLU E 57 49.76 -3.40 -4.91
N LEU E 58 49.99 -2.32 -4.18
CA LEU E 58 48.96 -1.31 -3.99
C LEU E 58 48.60 -0.61 -5.27
N ARG E 59 49.57 -0.21 -6.04
CA ARG E 59 49.20 0.39 -7.28
C ARG E 59 48.26 -0.47 -8.15
N GLU E 60 48.56 -1.75 -8.22
CA GLU E 60 47.73 -2.68 -8.98
C GLU E 60 46.29 -2.67 -8.42
N THR E 61 46.17 -2.81 -7.11
CA THR E 61 44.89 -2.78 -6.40
C THR E 61 44.13 -1.53 -6.77
N VAL E 62 44.78 -0.40 -6.67
CA VAL E 62 44.11 0.84 -7.03
C VAL E 62 43.60 0.72 -8.46
N GLY E 63 44.47 0.31 -9.36
CA GLY E 63 44.10 0.18 -10.75
C GLY E 63 42.80 -0.56 -10.91
N ASP E 64 42.63 -1.60 -10.12
CA ASP E 64 41.44 -2.43 -10.24
C ASP E 64 40.26 -1.71 -9.68
N LEU E 65 40.43 -1.16 -8.48
CA LEU E 65 39.35 -0.33 -7.87
C LEU E 65 38.88 0.80 -8.81
N GLU E 66 39.82 1.45 -9.47
CA GLU E 66 39.48 2.51 -10.39
C GLU E 66 38.64 2.00 -11.49
N ALA E 67 39.10 0.93 -12.10
CA ALA E 67 38.38 0.35 -13.24
C ALA E 67 37.00 -0.10 -12.82
N MET E 68 36.90 -0.64 -11.63
CA MET E 68 35.62 -1.07 -11.06
C MET E 68 34.71 0.12 -10.81
N ASN E 69 35.29 1.19 -10.28
CA ASN E 69 34.56 2.45 -10.06
C ASN E 69 34.10 3.10 -11.37
N GLU E 70 34.95 3.10 -12.37
CA GLU E 70 34.57 3.49 -13.71
C GLU E 70 33.38 2.68 -14.25
N MET E 71 33.46 1.37 -14.11
CA MET E 71 32.37 0.52 -14.54
C MET E 71 31.06 0.83 -13.85
N ASN E 72 31.07 1.01 -12.52
CA ASN E 72 29.84 1.38 -11.79
C ASN E 72 29.22 2.65 -12.32
N ASP E 73 30.04 3.61 -12.69
CA ASP E 73 29.52 4.85 -13.27
C ASP E 73 28.71 4.56 -14.54
N GLU E 74 29.22 3.70 -15.38
CA GLU E 74 28.46 3.25 -16.58
C GLU E 74 27.12 2.60 -16.23
N LEU E 75 27.09 1.86 -15.13
CA LEU E 75 25.83 1.20 -14.74
C LEU E 75 24.85 2.15 -14.18
N GLN E 76 25.34 3.04 -13.37
CA GLN E 76 24.53 4.10 -12.87
C GLN E 76 23.98 4.95 -14.01
N GLU E 77 24.78 5.21 -15.02
CA GLU E 77 24.28 5.94 -16.21
C GLU E 77 23.10 5.27 -16.87
N ASN E 78 23.24 4.00 -17.14
CA ASN E 78 22.16 3.25 -17.76
C ASN E 78 20.92 3.18 -16.89
N ALA E 79 21.13 3.10 -15.59
CA ALA E 79 20.01 3.05 -14.67
C ALA E 79 19.22 4.33 -14.77
N ARG E 80 19.93 5.47 -14.76
CA ARG E 80 19.25 6.78 -14.84
C ARG E 80 18.44 6.92 -16.12
N GLU E 81 19.00 6.50 -17.24
CA GLU E 81 18.31 6.54 -18.54
C GLU E 81 17.12 5.60 -18.56
N THR E 82 17.27 4.39 -18.03
CA THR E 82 16.12 3.46 -17.94
C THR E 82 15.02 3.98 -17.02
N GLU E 83 15.41 4.64 -15.94
CA GLU E 83 14.44 5.25 -15.07
C GLU E 83 13.72 6.38 -15.80
N LEU E 84 14.45 7.29 -16.42
CA LEU E 84 13.82 8.36 -17.22
C LEU E 84 12.91 7.82 -18.36
N GLU E 85 13.40 6.84 -19.11
CA GLU E 85 12.60 6.30 -20.19
C GLU E 85 11.24 5.93 -19.63
N LEU E 86 11.16 5.69 -18.32
CA LEU E 86 9.93 5.29 -17.68
C LEU E 86 9.05 6.47 -17.24
N ARG E 87 9.69 7.57 -16.82
CA ARG E 87 8.94 8.78 -16.46
C ARG E 87 8.39 9.45 -17.86
N GLU E 88 8.91 8.86 -18.97
CA GLU E 88 8.36 8.94 -20.34
C GLU E 88 7.22 7.85 -20.69
N GLN E 89 7.38 6.54 -20.36
CA GLN E 89 6.36 5.50 -20.40
C GLN E 89 5.26 5.95 -19.45
N LEU E 90 5.63 6.59 -18.34
CA LEU E 90 4.64 6.99 -17.33
C LEU E 90 3.70 8.12 -17.76
N ASP E 91 4.22 9.13 -18.44
CA ASP E 91 3.37 10.23 -18.95
C ASP E 91 2.36 9.78 -20.02
N LEU E 92 2.80 8.89 -20.91
CA LEU E 92 1.89 8.17 -21.80
C LEU E 92 0.85 7.42 -20.98
N ALA E 93 1.27 6.85 -19.86
CA ALA E 93 0.36 6.12 -18.99
C ALA E 93 -0.70 7.05 -18.40
N ALA E 94 -0.22 8.24 -18.05
CA ALA E 94 -0.95 9.33 -17.38
C ALA E 94 -2.13 9.82 -18.16
N ALA E 95 -1.85 9.93 -19.45
CA ALA E 95 -2.78 10.39 -20.46
C ALA E 95 -3.74 9.32 -20.97
N ARG E 96 -3.20 8.15 -21.32
CA ARG E 96 -3.99 7.11 -21.89
C ARG E 96 -5.16 6.69 -20.98
N VAL E 97 -4.89 6.59 -19.69
CA VAL E 97 -5.94 6.36 -18.69
C VAL E 97 -7.06 7.38 -18.80
N ARG E 98 -6.71 8.66 -18.60
CA ARG E 98 -7.71 9.73 -18.52
C ARG E 98 -8.56 9.70 -19.79
N GLU E 99 -7.90 9.51 -20.91
CA GLU E 99 -8.59 9.45 -22.19
C GLU E 99 -9.58 8.27 -22.26
N ALA E 100 -9.13 7.07 -21.90
CA ALA E 100 -10.02 5.91 -21.96
C ALA E 100 -11.16 5.99 -20.97
N GLU E 101 -10.89 6.58 -19.82
CA GLU E 101 -11.96 6.74 -18.81
C GLU E 101 -12.94 7.86 -19.13
N LYS E 102 -12.64 8.66 -20.14
CA LYS E 102 -13.62 9.58 -20.69
C LYS E 102 -14.34 8.97 -21.88
N ARG E 103 -13.68 8.10 -22.61
CA ARG E 103 -14.36 7.35 -23.66
C ARG E 103 -15.49 6.52 -23.04
N VAL E 104 -15.20 5.96 -21.88
CA VAL E 104 -16.24 5.24 -21.15
C VAL E 104 -17.40 6.15 -20.74
N GLU E 105 -17.08 7.35 -20.26
CA GLU E 105 -18.10 8.30 -19.87
C GLU E 105 -19.01 8.64 -21.03
N ALA E 106 -18.40 8.86 -22.18
CA ALA E 106 -19.10 9.23 -23.42
C ALA E 106 -20.15 8.20 -23.74
N ALA E 107 -19.72 6.95 -23.71
CA ALA E 107 -20.64 5.89 -24.00
C ALA E 107 -21.73 5.88 -22.95
N GLN E 108 -21.34 5.85 -21.70
CA GLN E 108 -22.35 5.76 -20.64
C GLN E 108 -23.45 6.81 -20.79
N GLU E 109 -23.04 7.97 -21.28
CA GLU E 109 -23.99 9.04 -21.51
C GLU E 109 -24.84 8.67 -22.73
N THR E 110 -24.18 8.28 -23.81
CA THR E 110 -24.87 7.88 -25.01
C THR E 110 -25.99 6.87 -24.71
N VAL E 111 -25.75 5.99 -23.75
CA VAL E 111 -26.77 5.04 -23.41
C VAL E 111 -27.93 5.71 -22.75
N ALA E 112 -27.60 6.56 -21.78
CA ALA E 112 -28.65 7.24 -21.03
C ALA E 112 -29.53 8.01 -21.99
N ASP E 113 -28.93 8.51 -23.08
CA ASP E 113 -29.69 9.20 -24.13
C ASP E 113 -30.68 8.26 -24.77
N TYR E 114 -30.18 7.09 -25.09
CA TYR E 114 -31.01 6.10 -25.75
C TYR E 114 -32.10 5.61 -24.84
N GLN E 115 -31.79 5.39 -23.56
CA GLN E 115 -32.88 5.01 -22.61
C GLN E 115 -34.01 6.00 -22.65
N GLN E 116 -33.68 7.30 -22.75
CA GLN E 116 -34.70 8.33 -22.83
C GLN E 116 -35.50 8.24 -24.11
N THR E 117 -34.80 8.01 -25.20
CA THR E 117 -35.50 7.91 -26.50
C THR E 117 -36.46 6.76 -26.46
N ILE E 118 -36.01 5.64 -25.88
CA ILE E 118 -36.84 4.48 -25.77
C ILE E 118 -38.03 4.81 -24.89
N LYS E 119 -37.75 5.22 -23.67
CA LYS E 119 -38.81 5.58 -22.73
C LYS E 119 -39.91 6.34 -23.46
N LYS E 120 -39.51 7.23 -24.36
CA LYS E 120 -40.51 8.02 -25.01
C LYS E 120 -41.26 7.22 -26.03
N TYR E 121 -40.55 6.47 -26.84
CA TYR E 121 -41.28 5.63 -27.82
C TYR E 121 -42.24 4.63 -27.15
N ARG E 122 -41.87 4.09 -26.00
CA ARG E 122 -42.84 3.25 -25.34
C ARG E 122 -44.07 3.99 -24.80
N GLU E 123 -43.90 5.22 -24.41
CA GLU E 123 -45.08 6.03 -24.05
C GLU E 123 -45.94 6.26 -25.25
N LEU E 124 -45.29 6.54 -26.36
CA LEU E 124 -46.04 6.88 -27.56
C LEU E 124 -46.87 5.73 -28.06
N THR E 125 -46.17 4.62 -28.32
CA THR E 125 -46.83 3.40 -28.72
C THR E 125 -48.02 3.09 -27.84
N ALA E 126 -47.85 3.19 -26.52
CA ALA E 126 -49.00 3.01 -25.62
C ALA E 126 -50.16 3.85 -26.03
N HIS E 127 -49.86 5.12 -26.22
CA HIS E 127 -50.88 6.13 -26.56
C HIS E 127 -51.60 5.74 -27.83
N LEU E 128 -50.86 5.34 -28.83
CA LEU E 128 -51.52 4.93 -30.06
C LEU E 128 -52.37 3.66 -29.89
N GLN E 129 -51.86 2.71 -29.10
CA GLN E 129 -52.64 1.55 -28.83
C GLN E 129 -53.96 1.95 -28.21
N ASP E 130 -53.93 2.82 -27.22
CA ASP E 130 -55.15 3.16 -26.49
C ASP E 130 -56.13 3.72 -27.48
N VAL E 131 -55.61 4.49 -28.40
CA VAL E 131 -56.46 5.12 -29.39
C VAL E 131 -57.04 4.07 -30.31
N ASN E 132 -56.18 3.21 -30.82
CA ASN E 132 -56.64 2.17 -31.76
C ASN E 132 -57.63 1.21 -31.13
N ARG E 133 -57.34 0.80 -29.89
CA ARG E 133 -58.30 0.06 -29.06
C ARG E 133 -59.69 0.69 -28.97
N GLU E 134 -59.77 1.97 -28.69
CA GLU E 134 -61.12 2.50 -28.70
C GLU E 134 -61.74 2.57 -30.09
N LEU E 135 -60.98 2.97 -31.08
CA LEU E 135 -61.57 3.04 -32.40
C LEU E 135 -62.11 1.68 -32.80
N MET E 136 -61.45 0.65 -32.32
CA MET E 136 -61.90 -0.70 -32.60
C MET E 136 -63.24 -1.00 -31.95
N SER E 137 -63.39 -0.59 -30.70
CA SER E 137 -64.64 -0.85 -30.01
C SER E 137 -65.85 -0.12 -30.67
N GLN E 138 -65.62 0.85 -31.56
CA GLN E 138 -66.71 1.40 -32.42
C GLN E 138 -66.46 1.19 -33.91
#